data_7W1L
#
_entry.id   7W1L
#
_cell.length_a   44.542
_cell.length_b   109.934
_cell.length_c   53.214
_cell.angle_alpha   90.000
_cell.angle_beta   106.270
_cell.angle_gamma   90.000
#
_symmetry.space_group_name_H-M   'P 1 21 1'
#
loop_
_entity.id
_entity.type
_entity.pdbx_description
1 polymer Carboxylesterase
2 non-polymer 'bis(2-hydroxyethyl) benzene-1,4-dicarboxylate'
3 water water
#
_entity_poly.entity_id   1
_entity_poly.type   'polypeptide(L)'
_entity_poly.pdbx_seq_one_letter_code
;MEIVIRTGSGDVRGSKENGIAVFRGIPYAEPPVGAHRFTAPRPPRPWDGVRDATEFSATAPRPPYPEAIGALLIERFIPG
DDYLTLNVWTPDPNAVGLPVMVWIHGGAFTNGSGSEPVYDGAAFARDGVVFVSFNYRLGIIGFADLPDAPSNRGLLDQIA
ALEWVRDNIARFGGDPGNVTVFGESAGAMSVCTLMATPRARGLFRRAILQSGAGNMAVAAEDATTIAAVIAHRLGVEPTA
AALAHVPVAQLLDVQQQVAQEIQGAPDPAVWGERIAGGSVLLPFAPVIDGELLSQRPAEAIAGGAGHDVDLLFGTTTDLY
RLFLAPTGLLPFITSDYVTAHLAKSGLDADAAKAYTAEGRGEEPGDILASIITDQVFRIPALRIAESRVDAPARTFGYEF
AWRTPQLDGILGACHAVELPFVFRTLDRAASLVGTNPPEELAETVHNAWVRFATSGDPGWPAWNPETRSVMRFDHPVSEM
VTDPYPATRALWDGVPL
;
_entity_poly.pdbx_strand_id   A
#
loop_
_chem_comp.id
_chem_comp.type
_chem_comp.name
_chem_comp.formula
C8X non-polymer 'bis(2-hydroxyethyl) benzene-1,4-dicarboxylate' 'C12 H14 O6'
#
# COMPACT_ATOMS: atom_id res chain seq x y z
N MET A 1 -27.31 16.33 -11.59
CA MET A 1 -26.29 16.07 -10.57
C MET A 1 -26.54 14.73 -9.87
N GLU A 2 -27.59 14.66 -9.05
CA GLU A 2 -27.86 13.45 -8.27
C GLU A 2 -28.05 12.24 -9.18
N ILE A 3 -27.42 11.12 -8.81
CA ILE A 3 -27.50 9.89 -9.58
C ILE A 3 -27.58 8.73 -8.61
N VAL A 4 -28.58 7.86 -8.80
CA VAL A 4 -28.92 6.82 -7.82
C VAL A 4 -28.62 5.47 -8.45
N ILE A 5 -27.89 4.64 -7.72
CA ILE A 5 -27.53 3.30 -8.18
C ILE A 5 -27.91 2.30 -7.11
N ARG A 6 -28.39 1.14 -7.55
CA ARG A 6 -28.71 0.04 -6.65
C ARG A 6 -27.44 -0.73 -6.32
N THR A 7 -27.18 -0.92 -5.02
CA THR A 7 -26.13 -1.83 -4.60
C THR A 7 -26.75 -3.09 -4.02
N GLY A 8 -25.89 -3.99 -3.54
CA GLY A 8 -26.39 -5.19 -2.89
C GLY A 8 -27.15 -4.87 -1.62
N SER A 9 -26.68 -3.86 -0.87
CA SER A 9 -27.31 -3.44 0.37
C SER A 9 -28.38 -2.37 0.17
N GLY A 10 -28.79 -2.08 -1.06
CA GLY A 10 -29.77 -1.04 -1.31
C GLY A 10 -29.20 0.11 -2.14
N ASP A 11 -30.05 1.13 -2.31
CA ASP A 11 -29.76 2.23 -3.24
C ASP A 11 -28.78 3.22 -2.62
N VAL A 12 -27.92 3.78 -3.47
CA VAL A 12 -27.00 4.83 -3.08
C VAL A 12 -27.15 6.02 -4.01
N ARG A 13 -26.93 7.20 -3.47
CA ARG A 13 -26.99 8.45 -4.24
C ARG A 13 -25.60 9.02 -4.36
N GLY A 14 -25.10 9.08 -5.59
CA GLY A 14 -23.91 9.83 -5.90
C GLY A 14 -24.26 11.17 -6.50
N SER A 15 -23.31 11.71 -7.25
CA SER A 15 -23.51 12.91 -8.05
C SER A 15 -22.66 12.81 -9.31
N LYS A 16 -23.29 13.00 -10.47
CA LYS A 16 -22.54 13.17 -11.70
C LYS A 16 -22.31 14.67 -11.89
N GLU A 17 -21.04 15.09 -11.87
CA GLU A 17 -20.67 16.41 -12.32
C GLU A 17 -19.62 16.28 -13.42
N ASN A 18 -19.97 16.76 -14.61
CA ASN A 18 -19.10 16.73 -15.77
C ASN A 18 -18.78 15.28 -16.15
N GLY A 19 -19.83 14.59 -16.57
CA GLY A 19 -19.73 13.23 -17.09
C GLY A 19 -18.97 12.26 -16.22
N ILE A 20 -18.95 12.49 -14.91
CA ILE A 20 -18.34 11.58 -13.93
C ILE A 20 -19.35 11.36 -12.82
N ALA A 21 -19.82 10.14 -12.67
CA ALA A 21 -20.63 9.79 -11.50
C ALA A 21 -19.69 9.39 -10.37
N VAL A 22 -19.85 10.04 -9.23
CA VAL A 22 -19.00 9.84 -8.07
C VAL A 22 -19.86 9.36 -6.92
N PHE A 23 -19.47 8.25 -6.31
CA PHE A 23 -20.16 7.72 -5.13
C PHE A 23 -19.14 7.64 -4.01
N ARG A 24 -19.44 8.27 -2.88
CA ARG A 24 -18.51 8.40 -1.78
C ARG A 24 -19.10 7.76 -0.53
N GLY A 25 -18.33 6.89 0.09
CA GLY A 25 -18.81 6.34 1.34
C GLY A 25 -19.89 5.32 1.19
N ILE A 26 -19.89 4.57 0.08
CA ILE A 26 -20.72 3.38 -0.02
C ILE A 26 -20.21 2.41 1.03
N PRO A 27 -21.02 2.01 2.00
CA PRO A 27 -20.54 1.03 2.99
C PRO A 27 -20.47 -0.36 2.38
N TYR A 28 -19.35 -1.03 2.63
CA TYR A 28 -19.23 -2.44 2.28
C TYR A 28 -19.17 -3.33 3.52
N ALA A 29 -19.02 -2.74 4.70
CA ALA A 29 -19.07 -3.50 5.95
C ALA A 29 -19.71 -2.65 7.03
N GLU A 30 -20.33 -3.32 8.00
CA GLU A 30 -20.95 -2.60 9.09
C GLU A 30 -19.87 -1.88 9.91
N PRO A 31 -20.17 -0.72 10.49
CA PRO A 31 -19.18 -0.03 11.32
C PRO A 31 -18.52 -0.99 12.28
N PRO A 32 -17.20 -1.07 12.26
CA PRO A 32 -16.50 -2.06 13.10
C PRO A 32 -16.29 -1.50 14.51
N VAL A 33 -17.38 -1.38 15.27
CA VAL A 33 -17.37 -0.67 16.55
C VAL A 33 -17.24 -1.67 17.68
N GLY A 34 -16.49 -1.28 18.70
CA GLY A 34 -16.36 -2.12 19.87
C GLY A 34 -15.84 -3.50 19.53
N ALA A 35 -16.58 -4.53 19.96
CA ALA A 35 -16.22 -5.90 19.60
C ALA A 35 -16.05 -6.04 18.09
N HIS A 36 -16.78 -5.27 17.32
CA HIS A 36 -16.63 -5.40 15.88
C HIS A 36 -15.41 -4.66 15.33
N ARG A 37 -14.59 -4.05 16.18
CA ARG A 37 -13.25 -3.72 15.75
C ARG A 37 -12.57 -4.96 15.21
N PHE A 38 -12.82 -6.09 15.85
CA PHE A 38 -12.00 -7.26 15.70
C PHE A 38 -12.74 -8.43 15.08
N THR A 39 -13.98 -8.25 14.66
CA THR A 39 -14.69 -9.30 13.93
C THR A 39 -14.47 -9.20 12.42
N ALA A 40 -14.80 -10.27 11.72
CA ALA A 40 -14.82 -10.22 10.27
C ALA A 40 -15.77 -9.11 9.81
N PRO A 41 -15.46 -8.44 8.71
CA PRO A 41 -16.34 -7.40 8.20
C PRO A 41 -17.73 -7.97 7.89
N ARG A 42 -18.74 -7.32 8.43
CA ARG A 42 -20.11 -7.76 8.27
C ARG A 42 -20.78 -7.01 7.14
N PRO A 43 -21.42 -7.73 6.21
CA PRO A 43 -22.26 -7.08 5.21
C PRO A 43 -23.06 -5.95 5.83
N PRO A 44 -23.06 -4.77 5.22
CA PRO A 44 -23.84 -3.67 5.80
C PRO A 44 -25.32 -4.02 5.83
N ARG A 45 -26.00 -3.52 6.86
CA ARG A 45 -27.41 -3.74 7.08
C ARG A 45 -28.18 -3.30 5.84
N PRO A 46 -28.88 -4.20 5.15
CA PRO A 46 -29.47 -3.87 3.84
C PRO A 46 -30.61 -2.87 3.88
N TRP A 47 -30.30 -1.57 3.71
CA TRP A 47 -31.30 -0.51 3.90
C TRP A 47 -32.34 -0.48 2.78
N ASP A 48 -33.50 0.07 3.11
CA ASP A 48 -34.48 0.52 2.14
C ASP A 48 -34.24 1.99 1.83
N GLY A 49 -34.72 2.42 0.69
CA GLY A 49 -34.53 3.82 0.38
C GLY A 49 -33.12 4.13 -0.10
N VAL A 50 -32.86 5.42 -0.21
CA VAL A 50 -31.62 5.91 -0.79
C VAL A 50 -30.71 6.39 0.33
N ARG A 51 -29.53 5.78 0.44
CA ARG A 51 -28.47 6.26 1.32
C ARG A 51 -27.58 7.25 0.59
N ASP A 52 -27.23 8.35 1.25
CA ASP A 52 -26.31 9.29 0.63
C ASP A 52 -24.96 8.62 0.40
N ALA A 53 -24.47 8.73 -0.83
CA ALA A 53 -23.11 8.35 -1.16
C ALA A 53 -22.42 9.54 -1.82
N THR A 54 -22.58 10.73 -1.22
CA THR A 54 -22.02 11.97 -1.75
C THR A 54 -20.84 12.48 -0.95
N GLU A 55 -20.67 12.04 0.29
CA GLU A 55 -19.61 12.55 1.12
C GLU A 55 -18.69 11.39 1.48
N PHE A 56 -17.40 11.65 1.53
CA PHE A 56 -16.51 10.61 2.00
C PHE A 56 -16.89 10.26 3.41
N SER A 57 -16.84 8.98 3.73
CA SER A 57 -17.19 8.58 5.07
C SER A 57 -16.04 8.86 6.01
N ALA A 58 -16.29 8.60 7.28
CA ALA A 58 -15.26 8.49 8.28
C ALA A 58 -14.12 7.64 7.75
N THR A 59 -12.93 7.87 8.28
CA THR A 59 -11.82 7.02 7.92
C THR A 59 -11.43 6.20 9.14
N ALA A 60 -10.60 5.18 8.90
CA ALA A 60 -10.14 4.33 9.98
C ALA A 60 -9.39 5.15 11.02
N PRO A 61 -9.45 4.75 12.29
CA PRO A 61 -8.66 5.43 13.33
C PRO A 61 -7.19 5.28 13.06
N ARG A 62 -6.49 6.40 12.97
CA ARG A 62 -5.05 6.32 12.77
C ARG A 62 -4.33 7.37 13.61
N PRO A 63 -3.11 7.09 14.00
CA PRO A 63 -2.31 8.11 14.65
C PRO A 63 -1.87 9.13 13.62
N PRO A 64 -1.45 10.30 14.05
CA PRO A 64 -0.75 11.20 13.13
C PRO A 64 0.48 10.51 12.59
N TYR A 65 0.83 10.86 11.37
CA TYR A 65 2.17 10.56 10.94
C TYR A 65 3.15 11.28 11.84
N PRO A 66 4.36 10.78 11.96
CA PRO A 66 5.42 11.57 12.60
C PRO A 66 5.49 12.99 12.03
N GLU A 67 5.98 13.95 12.80
CA GLU A 67 6.02 15.33 12.34
C GLU A 67 6.70 15.45 10.97
N ALA A 68 7.86 14.82 10.81
CA ALA A 68 8.62 14.86 9.56
C ALA A 68 7.77 14.42 8.37
N ILE A 69 7.51 13.12 8.31
CA ILE A 69 6.60 12.51 7.33
C ILE A 69 5.32 13.32 7.19
N GLY A 70 4.72 13.72 8.32
CA GLY A 70 3.39 14.31 8.28
C GLY A 70 3.35 15.67 7.62
N ALA A 71 4.47 16.38 7.65
CA ALA A 71 4.50 17.64 6.92
C ALA A 71 4.45 17.40 5.43
N LEU A 72 5.03 16.29 4.99
CA LEU A 72 5.06 15.96 3.57
C LEU A 72 3.80 15.23 3.16
N LEU A 73 3.38 14.28 3.99
CA LEU A 73 2.23 13.43 3.74
C LEU A 73 1.09 13.94 4.62
N ILE A 74 0.27 14.82 4.06
CA ILE A 74 -0.81 15.44 4.80
C ILE A 74 -2.02 14.54 4.68
N GLU A 75 -2.38 13.89 5.77
CA GLU A 75 -3.54 13.01 5.73
C GLU A 75 -4.81 13.82 5.97
N ARG A 76 -5.93 13.26 5.55
CA ARG A 76 -7.24 13.84 5.77
C ARG A 76 -8.00 12.84 6.62
N PHE A 77 -8.05 13.10 7.93
CA PHE A 77 -8.86 12.31 8.83
C PHE A 77 -10.32 12.69 8.66
N ILE A 78 -11.20 11.71 8.63
CA ILE A 78 -12.63 11.96 8.69
C ILE A 78 -13.16 11.26 9.93
N PRO A 79 -13.70 11.99 10.90
CA PRO A 79 -14.12 11.35 12.15
C PRO A 79 -15.34 10.49 11.91
N GLY A 80 -15.53 9.53 12.80
CA GLY A 80 -16.70 8.68 12.75
C GLY A 80 -16.30 7.22 12.83
N ASP A 81 -17.33 6.40 13.01
CA ASP A 81 -17.19 4.96 13.16
C ASP A 81 -17.48 4.21 11.89
N ASP A 82 -18.27 4.78 11.00
CA ASP A 82 -18.73 4.08 9.82
C ASP A 82 -17.73 4.32 8.68
N TYR A 83 -16.55 3.73 8.83
CA TYR A 83 -15.48 3.96 7.87
C TYR A 83 -15.21 2.80 6.93
N LEU A 84 -15.81 1.63 7.15
CA LEU A 84 -15.64 0.51 6.21
C LEU A 84 -16.54 0.78 5.01
N THR A 85 -16.18 1.85 4.30
CA THR A 85 -16.91 2.29 3.13
C THR A 85 -15.97 2.36 1.95
N LEU A 86 -16.56 2.41 0.77
CA LEU A 86 -15.78 2.56 -0.45
C LEU A 86 -16.34 3.70 -1.30
N ASN A 87 -15.52 4.14 -2.23
CA ASN A 87 -15.91 5.21 -3.13
C ASN A 87 -15.72 4.78 -4.58
N VAL A 88 -16.67 5.13 -5.42
CA VAL A 88 -16.65 4.74 -6.82
C VAL A 88 -16.75 5.99 -7.68
N TRP A 89 -15.86 6.07 -8.67
CA TRP A 89 -15.94 7.05 -9.73
C TRP A 89 -16.19 6.29 -11.02
N THR A 90 -17.21 6.67 -11.75
CA THR A 90 -17.42 6.02 -13.00
C THR A 90 -17.83 7.07 -14.02
N PRO A 91 -17.39 6.95 -15.27
CA PRO A 91 -17.89 7.89 -16.28
C PRO A 91 -19.36 7.65 -16.58
N ASP A 92 -19.83 6.44 -16.43
CA ASP A 92 -21.24 6.16 -16.60
C ASP A 92 -21.54 4.82 -15.96
N PRO A 93 -22.40 4.78 -14.94
CA PRO A 93 -22.80 3.48 -14.36
C PRO A 93 -23.46 2.55 -15.35
N ASN A 94 -23.94 3.06 -16.49
CA ASN A 94 -24.55 2.23 -17.51
C ASN A 94 -23.55 1.70 -18.51
N ALA A 95 -22.28 2.07 -18.37
CA ALA A 95 -21.26 1.57 -19.28
C ALA A 95 -21.17 0.05 -19.20
N VAL A 96 -20.62 -0.52 -20.25
CA VAL A 96 -20.42 -1.95 -20.38
C VAL A 96 -18.97 -2.25 -20.09
N GLY A 97 -18.72 -2.97 -19.00
CA GLY A 97 -17.45 -3.67 -18.87
C GLY A 97 -16.23 -2.79 -18.81
N LEU A 98 -16.34 -1.61 -18.23
CA LEU A 98 -15.19 -0.74 -18.04
C LEU A 98 -14.15 -1.40 -17.15
N PRO A 99 -12.86 -1.17 -17.42
CA PRO A 99 -11.82 -1.60 -16.50
C PRO A 99 -12.09 -1.02 -15.12
N VAL A 100 -11.96 -1.85 -14.10
CA VAL A 100 -12.18 -1.41 -12.73
C VAL A 100 -10.83 -1.38 -12.04
N MET A 101 -10.52 -0.26 -11.44
CA MET A 101 -9.32 -0.17 -10.63
C MET A 101 -9.75 0.01 -9.20
N VAL A 102 -9.29 -0.88 -8.34
CA VAL A 102 -9.58 -0.82 -6.91
C VAL A 102 -8.30 -0.43 -6.22
N TRP A 103 -8.35 0.72 -5.56
CA TRP A 103 -7.19 1.29 -4.91
C TRP A 103 -7.13 0.80 -3.47
N ILE A 104 -6.00 0.23 -3.08
CA ILE A 104 -5.75 -0.14 -1.69
C ILE A 104 -4.70 0.82 -1.18
N HIS A 105 -5.11 1.80 -0.38
CA HIS A 105 -4.16 2.83 0.03
C HIS A 105 -3.06 2.23 0.89
N GLY A 106 -1.88 2.84 0.82
CA GLY A 106 -0.80 2.53 1.74
C GLY A 106 -0.86 3.40 2.97
N GLY A 107 0.23 3.34 3.74
CA GLY A 107 0.29 4.03 5.02
C GLY A 107 0.71 3.08 6.12
N ALA A 108 1.49 2.07 5.72
CA ALA A 108 2.18 1.17 6.64
C ALA A 108 1.23 0.42 7.55
N PHE A 109 -0.02 0.20 7.10
CA PHE A 109 -1.05 -0.55 7.78
C PHE A 109 -1.55 0.13 9.03
N THR A 110 -1.05 1.33 9.33
CA THR A 110 -1.56 2.11 10.43
C THR A 110 -2.21 3.40 9.98
N ASN A 111 -1.83 3.92 8.83
CA ASN A 111 -2.32 5.20 8.35
C ASN A 111 -2.95 5.03 6.98
N GLY A 112 -3.41 6.15 6.44
CA GLY A 112 -4.02 6.20 5.13
C GLY A 112 -5.53 5.98 5.15
N SER A 113 -6.13 6.25 4.00
CA SER A 113 -7.53 5.96 3.76
C SER A 113 -7.73 5.90 2.26
N GLY A 114 -8.84 5.30 1.85
CA GLY A 114 -9.19 5.42 0.44
C GLY A 114 -9.48 6.83 0.02
N SER A 115 -9.86 7.69 0.94
CA SER A 115 -10.48 8.94 0.57
C SER A 115 -9.52 10.10 0.55
N GLU A 116 -8.26 9.89 0.85
CA GLU A 116 -7.31 10.99 0.79
C GLU A 116 -7.46 11.70 -0.55
N PRO A 117 -7.48 13.05 -0.56
CA PRO A 117 -7.67 13.78 -1.83
C PRO A 117 -6.79 13.30 -2.96
N VAL A 118 -5.55 12.93 -2.64
CA VAL A 118 -4.60 12.52 -3.66
C VAL A 118 -5.11 11.28 -4.40
N TYR A 119 -5.91 10.45 -3.73
CA TYR A 119 -6.47 9.23 -4.32
C TYR A 119 -7.79 9.47 -5.03
N ASP A 120 -8.10 10.72 -5.37
CA ASP A 120 -9.28 11.04 -6.14
C ASP A 120 -9.34 10.20 -7.41
N GLY A 121 -10.48 9.56 -7.62
CA GLY A 121 -10.63 8.73 -8.78
C GLY A 121 -11.09 9.42 -10.05
N ALA A 122 -11.36 10.73 -10.03
CA ALA A 122 -11.97 11.37 -11.19
C ALA A 122 -11.15 11.16 -12.45
N ALA A 123 -9.82 11.27 -12.35
CA ALA A 123 -8.97 11.15 -13.52
C ALA A 123 -9.04 9.75 -14.12
N PHE A 124 -9.27 8.73 -13.30
CA PHE A 124 -9.44 7.40 -13.88
C PHE A 124 -10.79 7.25 -14.56
N ALA A 125 -11.86 7.72 -13.90
CA ALA A 125 -13.19 7.74 -14.52
C ALA A 125 -13.16 8.49 -15.85
N ARG A 126 -12.53 9.66 -15.89
CA ARG A 126 -12.45 10.45 -17.11
C ARG A 126 -11.80 9.65 -18.23
N ASP A 127 -10.95 8.69 -17.90
CA ASP A 127 -10.32 7.86 -18.91
C ASP A 127 -11.02 6.53 -19.11
N GLY A 128 -12.30 6.43 -18.75
CA GLY A 128 -13.01 5.21 -19.04
C GLY A 128 -12.71 4.07 -18.11
N VAL A 129 -12.21 4.36 -16.91
CA VAL A 129 -11.93 3.35 -15.91
C VAL A 129 -12.83 3.64 -14.72
N VAL A 130 -13.49 2.61 -14.21
CA VAL A 130 -14.20 2.72 -12.94
C VAL A 130 -13.18 2.62 -11.83
N PHE A 131 -13.12 3.63 -10.98
CA PHE A 131 -12.16 3.67 -9.90
C PHE A 131 -12.86 3.44 -8.57
N VAL A 132 -12.28 2.57 -7.75
CA VAL A 132 -12.81 2.29 -6.43
C VAL A 132 -11.69 2.48 -5.42
N SER A 133 -11.99 3.23 -4.37
CA SER A 133 -11.11 3.32 -3.24
C SER A 133 -11.95 2.98 -2.02
N PHE A 134 -11.27 2.72 -0.92
CA PHE A 134 -12.02 2.26 0.23
C PHE A 134 -11.10 2.34 1.42
N ASN A 135 -11.71 2.27 2.60
CA ASN A 135 -10.96 2.19 3.83
C ASN A 135 -11.02 0.75 4.32
N TYR A 136 -9.93 0.33 4.94
CA TYR A 136 -9.85 -0.95 5.62
C TYR A 136 -9.25 -0.70 6.98
N ARG A 137 -9.55 -1.60 7.90
CA ARG A 137 -9.12 -1.39 9.27
C ARG A 137 -7.60 -1.41 9.35
N LEU A 138 -7.08 -0.50 10.17
CA LEU A 138 -5.68 -0.18 10.28
C LEU A 138 -5.19 -0.53 11.66
N GLY A 139 -3.89 -0.78 11.76
CA GLY A 139 -3.23 -0.80 13.04
C GLY A 139 -3.67 -1.96 13.89
N ILE A 140 -3.80 -1.68 15.19
CA ILE A 140 -4.29 -2.69 16.13
C ILE A 140 -5.59 -3.27 15.63
N ILE A 141 -6.55 -2.38 15.37
CA ILE A 141 -7.87 -2.84 15.00
C ILE A 141 -7.81 -3.67 13.74
N GLY A 142 -7.00 -3.25 12.77
CA GLY A 142 -6.93 -3.95 11.52
C GLY A 142 -6.12 -5.22 11.55
N PHE A 143 -5.05 -5.26 12.35
CA PHE A 143 -4.05 -6.30 12.12
C PHE A 143 -3.40 -6.90 13.35
N ALA A 144 -3.44 -6.25 14.53
CA ALA A 144 -2.92 -6.87 15.73
C ALA A 144 -3.55 -8.25 15.93
N ASP A 145 -2.73 -9.24 16.23
CA ASP A 145 -3.24 -10.60 16.27
C ASP A 145 -3.76 -10.96 17.65
N LEU A 146 -4.97 -11.49 17.69
CA LEU A 146 -5.63 -11.76 18.95
C LEU A 146 -6.25 -13.16 18.89
N PRO A 147 -6.16 -13.93 19.97
CA PRO A 147 -6.66 -15.31 19.90
C PRO A 147 -8.14 -15.40 19.66
N ASP A 148 -8.89 -14.37 20.03
CA ASP A 148 -10.35 -14.41 19.97
C ASP A 148 -10.90 -13.53 18.86
N ALA A 149 -10.13 -13.39 17.77
CA ALA A 149 -10.54 -12.54 16.68
C ALA A 149 -9.93 -13.08 15.41
N PRO A 150 -10.67 -13.09 14.31
CA PRO A 150 -10.07 -13.42 13.02
C PRO A 150 -8.88 -12.50 12.77
N SER A 151 -7.80 -13.09 12.28
CA SER A 151 -6.61 -12.29 12.02
C SER A 151 -6.85 -11.37 10.83
N ASN A 152 -6.05 -10.31 10.77
CA ASN A 152 -5.94 -9.45 9.59
C ASN A 152 -7.31 -8.97 9.10
N ARG A 153 -8.07 -8.35 9.98
CA ARG A 153 -9.38 -7.77 9.64
C ARG A 153 -9.22 -6.76 8.51
N GLY A 154 -8.13 -5.97 8.53
CA GLY A 154 -7.91 -5.04 7.44
C GLY A 154 -7.76 -5.75 6.11
N LEU A 155 -7.23 -6.98 6.14
CA LEU A 155 -7.18 -7.81 4.95
C LEU A 155 -8.57 -8.34 4.60
N LEU A 156 -9.27 -8.88 5.60
CA LEU A 156 -10.67 -9.27 5.39
C LEU A 156 -11.49 -8.10 4.86
N ASP A 157 -11.17 -6.87 5.30
CA ASP A 157 -11.86 -5.69 4.79
C ASP A 157 -11.55 -5.49 3.32
N GLN A 158 -10.28 -5.64 2.94
CA GLN A 158 -9.91 -5.48 1.55
C GLN A 158 -10.65 -6.49 0.68
N ILE A 159 -10.68 -7.74 1.12
CA ILE A 159 -11.44 -8.77 0.40
C ILE A 159 -12.91 -8.37 0.32
N ALA A 160 -13.48 -7.95 1.45
CA ALA A 160 -14.87 -7.53 1.46
C ALA A 160 -15.12 -6.45 0.43
N ALA A 161 -14.23 -5.46 0.36
CA ALA A 161 -14.42 -4.40 -0.60
C ALA A 161 -14.22 -4.91 -2.01
N LEU A 162 -13.27 -5.83 -2.22
CA LEU A 162 -13.10 -6.42 -3.54
C LEU A 162 -14.28 -7.31 -3.89
N GLU A 163 -14.92 -7.90 -2.89
CA GLU A 163 -16.12 -8.69 -3.13
C GLU A 163 -17.29 -7.78 -3.40
N TRP A 164 -17.37 -6.66 -2.68
CA TRP A 164 -18.32 -5.64 -3.05
C TRP A 164 -18.15 -5.27 -4.51
N VAL A 165 -16.91 -5.02 -4.94
CA VAL A 165 -16.65 -4.64 -6.32
C VAL A 165 -17.13 -5.74 -7.26
N ARG A 166 -16.74 -6.98 -6.96
CA ARG A 166 -17.23 -8.11 -7.73
C ARG A 166 -18.74 -8.07 -7.87
N ASP A 167 -19.43 -7.89 -6.76
CA ASP A 167 -20.87 -8.04 -6.74
C ASP A 167 -21.62 -6.81 -7.28
N ASN A 168 -20.99 -5.63 -7.26
CA ASN A 168 -21.69 -4.37 -7.51
C ASN A 168 -21.12 -3.53 -8.62
N ILE A 169 -19.89 -3.78 -9.07
CA ILE A 169 -19.26 -2.77 -9.90
C ILE A 169 -19.92 -2.72 -11.28
N ALA A 170 -20.52 -3.83 -11.71
CA ALA A 170 -21.21 -3.80 -12.99
C ALA A 170 -22.30 -2.74 -13.01
N ARG A 171 -22.90 -2.45 -11.86
CA ARG A 171 -23.92 -1.41 -11.81
C ARG A 171 -23.33 -0.02 -11.85
N PHE A 172 -22.02 0.10 -11.72
CA PHE A 172 -21.33 1.36 -11.91
C PHE A 172 -20.49 1.33 -13.19
N GLY A 173 -20.90 0.49 -14.14
CA GLY A 173 -20.30 0.46 -15.44
C GLY A 173 -19.04 -0.37 -15.56
N GLY A 174 -18.65 -1.06 -14.50
CA GLY A 174 -17.41 -1.82 -14.50
C GLY A 174 -17.56 -3.28 -14.86
N ASP A 175 -16.47 -3.82 -15.43
CA ASP A 175 -16.33 -5.26 -15.66
C ASP A 175 -15.74 -5.87 -14.40
N PRO A 176 -16.51 -6.65 -13.63
CA PRO A 176 -15.90 -7.36 -12.49
C PRO A 176 -14.80 -8.31 -12.94
N GLY A 177 -14.81 -8.74 -14.19
CA GLY A 177 -13.75 -9.55 -14.77
C GLY A 177 -12.54 -8.77 -15.22
N ASN A 178 -12.58 -7.44 -15.15
CA ASN A 178 -11.39 -6.65 -15.45
C ASN A 178 -11.07 -5.71 -14.29
N VAL A 179 -10.95 -6.26 -13.09
CA VAL A 179 -10.54 -5.47 -11.94
C VAL A 179 -9.03 -5.49 -11.82
N THR A 180 -8.42 -4.30 -11.84
CA THR A 180 -7.02 -4.12 -11.50
C THR A 180 -6.95 -3.58 -10.07
N VAL A 181 -6.44 -4.38 -9.18
CA VAL A 181 -6.28 -3.91 -7.81
C VAL A 181 -4.92 -3.24 -7.73
N PHE A 182 -4.83 -2.15 -6.98
CA PHE A 182 -3.52 -1.50 -6.90
C PHE A 182 -3.43 -0.77 -5.58
N GLY A 183 -2.20 -0.60 -5.14
CA GLY A 183 -1.93 0.02 -3.86
C GLY A 183 -0.50 0.49 -3.79
N GLU A 184 -0.27 1.38 -2.86
CA GLU A 184 1.05 1.90 -2.55
C GLU A 184 1.58 1.17 -1.32
N SER A 185 2.75 0.57 -1.47
CA SER A 185 3.43 -0.04 -0.34
C SER A 185 2.50 -0.94 0.45
N ALA A 186 2.04 -0.48 1.62
CA ALA A 186 1.16 -1.30 2.43
C ALA A 186 -0.06 -1.73 1.63
N GLY A 187 -0.58 -0.82 0.80
CA GLY A 187 -1.60 -1.20 -0.16
C GLY A 187 -1.11 -2.21 -1.18
N ALA A 188 0.10 -2.01 -1.73
CA ALA A 188 0.66 -3.02 -2.62
C ALA A 188 0.97 -4.31 -1.86
N MET A 189 1.56 -4.20 -0.67
CA MET A 189 1.83 -5.41 0.08
C MET A 189 0.53 -6.16 0.38
N SER A 190 -0.52 -5.43 0.76
CA SER A 190 -1.87 -5.99 0.82
C SER A 190 -2.21 -6.78 -0.43
N VAL A 191 -2.03 -6.17 -1.60
CA VAL A 191 -2.32 -6.86 -2.86
C VAL A 191 -1.54 -8.17 -2.92
N CYS A 192 -0.24 -8.10 -2.60
CA CYS A 192 0.56 -9.31 -2.54
C CYS A 192 -0.04 -10.31 -1.57
N THR A 193 -0.38 -9.84 -0.38
CA THR A 193 -1.02 -10.69 0.61
C THR A 193 -2.29 -11.31 0.03
N LEU A 194 -3.08 -10.51 -0.70
CA LEU A 194 -4.33 -11.04 -1.23
C LEU A 194 -4.05 -12.11 -2.26
N MET A 195 -3.05 -11.90 -3.13
CA MET A 195 -2.71 -12.92 -4.11
C MET A 195 -2.45 -14.25 -3.41
N ALA A 196 -1.86 -14.20 -2.22
CA ALA A 196 -1.54 -15.38 -1.43
C ALA A 196 -2.72 -15.90 -0.62
N THR A 197 -3.85 -15.21 -0.63
CA THR A 197 -4.93 -15.58 0.26
C THR A 197 -5.98 -16.33 -0.52
N PRO A 198 -6.32 -17.55 -0.13
CA PRO A 198 -7.45 -18.25 -0.77
C PRO A 198 -8.68 -17.37 -0.87
N ARG A 199 -9.00 -16.63 0.19
CA ARG A 199 -10.28 -15.93 0.22
C ARG A 199 -10.34 -14.77 -0.76
N ALA A 200 -9.25 -14.43 -1.42
CA ALA A 200 -9.25 -13.39 -2.43
C ALA A 200 -9.35 -13.93 -3.86
N ARG A 201 -9.60 -15.25 -4.02
CA ARG A 201 -9.57 -15.89 -5.33
C ARG A 201 -10.39 -15.09 -6.32
N GLY A 202 -9.82 -14.87 -7.50
CA GLY A 202 -10.55 -14.26 -8.58
C GLY A 202 -11.05 -12.84 -8.34
N LEU A 203 -10.60 -12.19 -7.27
CA LEU A 203 -11.15 -10.87 -6.98
C LEU A 203 -10.47 -9.77 -7.80
N PHE A 204 -9.34 -10.05 -8.39
CA PHE A 204 -8.77 -9.10 -9.30
C PHE A 204 -8.08 -9.85 -10.42
N ARG A 205 -8.09 -9.23 -11.58
CA ARG A 205 -7.45 -9.79 -12.74
C ARG A 205 -6.04 -9.29 -12.90
N ARG A 206 -5.74 -8.11 -12.35
CA ARG A 206 -4.46 -7.46 -12.52
C ARG A 206 -4.09 -6.75 -11.23
N ALA A 207 -2.80 -6.53 -11.07
CA ALA A 207 -2.28 -5.89 -9.87
C ALA A 207 -1.27 -4.86 -10.29
N ILE A 208 -1.34 -3.68 -9.68
CA ILE A 208 -0.25 -2.70 -9.73
C ILE A 208 0.31 -2.57 -8.33
N LEU A 209 1.53 -3.06 -8.16
CA LEU A 209 2.24 -2.98 -6.90
C LEU A 209 3.07 -1.72 -6.98
N GLN A 210 2.66 -0.69 -6.27
CA GLN A 210 3.47 0.52 -6.22
C GLN A 210 4.30 0.49 -4.94
N SER A 211 5.58 0.21 -5.09
CA SER A 211 6.52 0.24 -3.98
C SER A 211 6.02 -0.61 -2.81
N GLY A 212 5.47 -1.78 -3.13
CA GLY A 212 5.17 -2.74 -2.10
C GLY A 212 5.22 -4.15 -2.66
N ALA A 213 5.75 -5.11 -1.91
CA ALA A 213 5.93 -6.45 -2.43
C ALA A 213 5.43 -7.41 -1.36
N GLY A 214 5.94 -8.65 -1.38
CA GLY A 214 5.42 -9.70 -0.53
C GLY A 214 6.18 -9.96 0.76
N ASN A 215 6.98 -9.01 1.22
CA ASN A 215 7.81 -9.19 2.40
C ASN A 215 7.21 -8.60 3.67
N MET A 216 6.06 -7.96 3.61
CA MET A 216 5.56 -7.22 4.78
C MET A 216 4.50 -8.05 5.48
N ALA A 217 4.97 -9.00 6.25
CA ALA A 217 4.12 -9.80 7.10
C ALA A 217 4.78 -9.90 8.44
N VAL A 218 3.96 -10.13 9.45
CA VAL A 218 4.41 -10.35 10.81
C VAL A 218 4.26 -11.82 11.11
N ALA A 219 5.33 -12.46 11.56
CA ALA A 219 5.21 -13.82 12.06
C ALA A 219 4.18 -13.87 13.18
N ALA A 220 3.46 -14.99 13.25
CA ALA A 220 2.42 -15.16 14.26
C ALA A 220 2.97 -14.87 15.65
N GLU A 221 4.11 -15.47 15.99
CA GLU A 221 4.63 -15.31 17.33
C GLU A 221 5.06 -13.88 17.61
N ASP A 222 5.47 -13.13 16.59
CA ASP A 222 5.79 -11.73 16.81
C ASP A 222 4.52 -10.92 16.98
N ALA A 223 3.49 -11.24 16.19
CA ALA A 223 2.21 -10.60 16.38
C ALA A 223 1.68 -10.86 17.79
N THR A 224 1.82 -12.09 18.27
CA THR A 224 1.42 -12.35 19.64
C THR A 224 2.21 -11.48 20.62
N THR A 225 3.52 -11.31 20.39
CA THR A 225 4.29 -10.45 21.28
C THR A 225 3.79 -9.03 21.22
N ILE A 226 3.62 -8.49 20.01
CA ILE A 226 3.11 -7.13 19.84
C ILE A 226 1.78 -6.97 20.58
N ALA A 227 0.83 -7.87 20.34
CA ALA A 227 -0.45 -7.79 21.01
C ALA A 227 -0.29 -7.80 22.53
N ALA A 228 0.59 -8.65 23.04
CA ALA A 228 0.83 -8.73 24.47
C ALA A 228 1.36 -7.42 25.03
N VAL A 229 2.32 -6.80 24.34
CA VAL A 229 2.87 -5.53 24.78
C VAL A 229 1.81 -4.44 24.73
N ILE A 230 1.07 -4.39 23.62
CA ILE A 230 -0.06 -3.45 23.51
C ILE A 230 -0.97 -3.61 24.72
N ALA A 231 -1.35 -4.86 25.03
CA ALA A 231 -2.28 -5.12 26.12
C ALA A 231 -1.70 -4.74 27.47
N HIS A 232 -0.45 -5.16 27.73
CA HIS A 232 0.17 -4.81 29.00
C HIS A 232 0.20 -3.32 29.22
N ARG A 233 0.37 -2.56 28.14
CA ARG A 233 0.42 -1.12 28.25
C ARG A 233 -0.96 -0.51 28.37
N LEU A 234 -1.99 -1.23 27.95
CA LEU A 234 -3.37 -0.81 28.11
C LEU A 234 -3.99 -1.33 29.40
N GLY A 235 -3.23 -2.09 30.18
CA GLY A 235 -3.74 -2.67 31.41
C GLY A 235 -4.86 -3.64 31.19
N VAL A 236 -4.85 -4.40 30.10
CA VAL A 236 -5.93 -5.32 29.77
C VAL A 236 -5.32 -6.60 29.21
N GLU A 237 -6.19 -7.56 28.92
CA GLU A 237 -5.78 -8.83 28.35
C GLU A 237 -5.44 -8.66 26.86
N PRO A 238 -4.50 -9.44 26.33
CA PRO A 238 -4.19 -9.36 24.89
C PRO A 238 -5.25 -10.09 24.05
N THR A 239 -6.48 -9.63 24.15
CA THR A 239 -7.60 -10.28 23.49
C THR A 239 -8.48 -9.21 22.86
N ALA A 240 -9.23 -9.62 21.82
CA ALA A 240 -10.29 -8.75 21.32
C ALA A 240 -11.31 -8.47 22.40
N ALA A 241 -11.62 -9.47 23.22
CA ALA A 241 -12.58 -9.27 24.28
C ALA A 241 -12.18 -8.11 25.17
N ALA A 242 -10.88 -7.87 25.31
CA ALA A 242 -10.35 -6.75 26.07
C ALA A 242 -10.25 -5.48 25.22
N LEU A 243 -9.61 -5.57 24.05
CA LEU A 243 -9.35 -4.39 23.24
C LEU A 243 -10.64 -3.82 22.66
N ALA A 244 -11.73 -4.57 22.71
CA ALA A 244 -12.98 -4.05 22.15
C ALA A 244 -13.49 -2.84 22.93
N HIS A 245 -12.97 -2.60 24.12
CA HIS A 245 -13.49 -1.58 25.02
C HIS A 245 -12.51 -0.44 25.24
N VAL A 246 -11.27 -0.58 24.80
CA VAL A 246 -10.27 0.48 24.93
C VAL A 246 -10.68 1.65 24.06
N PRO A 247 -10.80 2.85 24.62
CA PRO A 247 -11.04 4.03 23.79
C PRO A 247 -9.98 4.13 22.69
N VAL A 248 -10.44 4.46 21.47
CA VAL A 248 -9.53 4.36 20.34
C VAL A 248 -8.31 5.25 20.51
N ALA A 249 -8.48 6.42 21.16
CA ALA A 249 -7.33 7.31 21.36
C ALA A 249 -6.24 6.63 22.18
N GLN A 250 -6.63 5.73 23.08
CA GLN A 250 -5.64 4.97 23.83
C GLN A 250 -5.11 3.78 23.04
N LEU A 251 -5.95 3.19 22.20
CA LEU A 251 -5.45 2.21 21.24
C LEU A 251 -4.40 2.84 20.35
N LEU A 252 -4.76 3.95 19.72
CA LEU A 252 -3.84 4.64 18.82
C LEU A 252 -2.58 5.05 19.56
N ASP A 253 -2.72 5.51 20.79
CA ASP A 253 -1.54 5.97 21.51
C ASP A 253 -0.57 4.81 21.72
N VAL A 254 -1.06 3.69 22.25
CA VAL A 254 -0.22 2.52 22.41
C VAL A 254 0.26 2.00 21.05
N GLN A 255 -0.66 1.94 20.08
CA GLN A 255 -0.28 1.59 18.71
C GLN A 255 0.89 2.43 18.23
N GLN A 256 0.77 3.74 18.38
CA GLN A 256 1.82 4.65 17.92
C GLN A 256 3.13 4.29 18.59
N GLN A 257 3.08 3.99 19.87
CA GLN A 257 4.29 3.71 20.62
C GLN A 257 4.92 2.40 20.15
N VAL A 258 4.10 1.38 19.86
CA VAL A 258 4.63 0.16 19.26
C VAL A 258 5.29 0.47 17.92
N ALA A 259 4.62 1.26 17.08
CA ALA A 259 5.18 1.56 15.77
C ALA A 259 6.57 2.19 15.90
N GLN A 260 6.73 3.14 16.83
CA GLN A 260 8.03 3.80 16.98
C GLN A 260 9.07 2.87 17.56
N GLU A 261 8.69 2.10 18.57
CA GLU A 261 9.63 1.16 19.17
C GLU A 261 10.09 0.10 18.17
N ILE A 262 9.19 -0.39 17.31
CA ILE A 262 9.59 -1.35 16.28
C ILE A 262 10.40 -0.66 15.20
N GLN A 263 10.03 0.57 14.82
CA GLN A 263 10.81 1.33 13.83
C GLN A 263 12.24 1.58 14.29
N GLY A 264 12.43 1.79 15.60
CA GLY A 264 13.74 2.02 16.17
C GLY A 264 14.44 0.73 16.55
N ALA A 265 15.23 0.77 17.63
CA ALA A 265 15.90 -0.41 18.16
C ALA A 265 15.06 -0.97 19.29
N PRO A 266 14.27 -2.01 19.06
CA PRO A 266 13.33 -2.45 20.11
C PRO A 266 14.12 -3.05 21.27
N ASP A 267 13.76 -2.65 22.48
CA ASP A 267 14.34 -3.21 23.67
C ASP A 267 14.06 -4.71 23.73
N PRO A 268 15.08 -5.56 23.83
CA PRO A 268 14.79 -7.01 23.91
C PRO A 268 14.09 -7.42 25.19
N ALA A 269 14.22 -6.66 26.28
CA ALA A 269 13.48 -7.03 27.48
C ALA A 269 11.99 -6.84 27.25
N VAL A 270 11.63 -5.76 26.54
CA VAL A 270 10.22 -5.50 26.24
C VAL A 270 9.72 -6.46 25.16
N TRP A 271 10.53 -6.68 24.11
CA TRP A 271 10.04 -7.19 22.85
C TRP A 271 10.50 -8.59 22.50
N GLY A 272 11.41 -9.17 23.27
CA GLY A 272 12.00 -10.45 22.91
C GLY A 272 13.12 -10.29 21.93
N GLU A 273 13.85 -11.38 21.70
CA GLU A 273 15.06 -11.28 20.91
C GLU A 273 14.75 -11.15 19.42
N ARG A 274 13.74 -11.89 18.94
CA ARG A 274 13.39 -11.82 17.53
C ARG A 274 13.09 -10.39 17.12
N ILE A 275 12.15 -9.76 17.83
CA ILE A 275 11.69 -8.44 17.43
C ILE A 275 12.81 -7.43 17.64
N ALA A 276 13.57 -7.59 18.71
CA ALA A 276 14.77 -6.77 18.89
C ALA A 276 15.77 -7.03 17.78
N GLY A 277 15.83 -8.27 17.29
CA GLY A 277 16.65 -8.57 16.14
C GLY A 277 16.12 -8.11 14.80
N GLY A 278 14.92 -7.53 14.74
CA GLY A 278 14.37 -7.04 13.50
C GLY A 278 13.46 -7.99 12.76
N SER A 279 12.87 -8.97 13.46
CA SER A 279 11.97 -9.89 12.80
C SER A 279 10.73 -9.18 12.28
N VAL A 280 10.44 -7.98 12.76
CA VAL A 280 9.25 -7.25 12.40
C VAL A 280 9.67 -5.99 11.66
N LEU A 281 9.27 -5.88 10.39
CA LEU A 281 9.43 -4.61 9.68
C LEU A 281 8.36 -3.64 10.16
N LEU A 282 7.12 -3.91 9.79
CA LEU A 282 5.98 -3.13 10.21
C LEU A 282 5.19 -3.94 11.22
N PRO A 283 4.96 -3.42 12.43
CA PRO A 283 4.32 -4.24 13.48
C PRO A 283 2.84 -4.47 13.26
N PHE A 284 2.21 -3.74 12.36
CA PHE A 284 0.79 -3.94 12.11
C PHE A 284 0.57 -4.37 10.67
N ALA A 285 1.61 -4.85 10.03
CA ALA A 285 1.48 -5.59 8.79
C ALA A 285 0.62 -6.84 9.00
N PRO A 286 0.09 -7.41 7.94
CA PRO A 286 -0.69 -8.64 8.10
C PRO A 286 0.12 -9.72 8.78
N VAL A 287 -0.52 -10.43 9.68
CA VAL A 287 0.11 -11.52 10.42
C VAL A 287 0.07 -12.78 9.59
N ILE A 288 1.16 -13.55 9.62
CA ILE A 288 1.09 -14.87 9.01
C ILE A 288 0.30 -15.76 9.96
N ASP A 289 -1.02 -15.68 9.85
CA ASP A 289 -1.88 -16.32 10.82
C ASP A 289 -2.01 -17.81 10.63
N GLY A 290 -1.73 -18.32 9.42
CA GLY A 290 -1.90 -19.70 9.13
C GLY A 290 -3.11 -19.99 8.27
N GLU A 291 -4.19 -19.24 8.44
CA GLU A 291 -5.40 -19.50 7.69
C GLU A 291 -5.51 -18.52 6.55
N LEU A 292 -5.80 -17.27 6.87
CA LEU A 292 -5.85 -16.24 5.85
C LEU A 292 -4.51 -16.11 5.14
N LEU A 293 -3.42 -16.11 5.90
CA LEU A 293 -2.07 -15.98 5.36
C LEU A 293 -1.25 -17.14 5.91
N SER A 294 -1.15 -18.22 5.14
CA SER A 294 -0.43 -19.42 5.57
C SER A 294 1.07 -19.22 5.59
N GLN A 295 1.57 -18.25 4.84
CA GLN A 295 3.00 -18.02 4.68
C GLN A 295 3.18 -16.58 4.20
N ARG A 296 4.41 -16.12 4.24
CA ARG A 296 4.70 -14.77 3.77
C ARG A 296 4.29 -14.65 2.30
N PRO A 297 3.66 -13.54 1.90
CA PRO A 297 3.19 -13.41 0.51
C PRO A 297 4.27 -13.64 -0.52
N ALA A 298 5.52 -13.28 -0.23
CA ALA A 298 6.59 -13.50 -1.20
C ALA A 298 6.75 -14.98 -1.52
N GLU A 299 6.74 -15.82 -0.50
CA GLU A 299 6.92 -17.25 -0.75
C GLU A 299 5.74 -17.82 -1.51
N ALA A 300 4.52 -17.43 -1.12
CA ALA A 300 3.35 -17.86 -1.88
C ALA A 300 3.47 -17.45 -3.34
N ILE A 301 3.84 -16.19 -3.59
CA ILE A 301 4.01 -15.68 -4.95
C ILE A 301 5.14 -16.43 -5.65
N ALA A 302 6.23 -16.69 -4.94
CA ALA A 302 7.30 -17.49 -5.52
C ALA A 302 6.81 -18.86 -5.92
N GLY A 303 5.75 -19.34 -5.28
CA GLY A 303 5.18 -20.61 -5.62
C GLY A 303 4.03 -20.54 -6.61
N GLY A 304 3.73 -19.36 -7.14
CA GLY A 304 2.73 -19.24 -8.19
C GLY A 304 1.49 -18.45 -7.81
N ALA A 305 1.36 -18.03 -6.55
CA ALA A 305 0.25 -17.19 -6.18
C ALA A 305 0.25 -15.94 -7.05
N GLY A 306 -0.92 -15.60 -7.59
CA GLY A 306 -1.07 -14.47 -8.48
C GLY A 306 -0.39 -14.60 -9.83
N HIS A 307 0.19 -15.76 -10.17
CA HIS A 307 0.75 -15.90 -11.51
C HIS A 307 -0.30 -15.80 -12.59
N ASP A 308 -1.58 -15.95 -12.26
CA ASP A 308 -2.65 -15.74 -13.21
C ASP A 308 -3.07 -14.29 -13.26
N VAL A 309 -2.32 -13.41 -12.60
CA VAL A 309 -2.72 -12.03 -12.44
C VAL A 309 -1.66 -11.16 -13.08
N ASP A 310 -2.07 -10.31 -14.03
CA ASP A 310 -1.15 -9.39 -14.66
C ASP A 310 -0.59 -8.44 -13.63
N LEU A 311 0.70 -8.16 -13.73
CA LEU A 311 1.38 -7.40 -12.70
C LEU A 311 2.07 -6.21 -13.35
N LEU A 312 1.75 -5.03 -12.84
CA LEU A 312 2.53 -3.82 -13.06
C LEU A 312 3.13 -3.48 -11.70
N PHE A 313 4.44 -3.60 -11.58
CA PHE A 313 5.09 -3.32 -10.31
C PHE A 313 6.12 -2.22 -10.51
N GLY A 314 6.44 -1.54 -9.41
CA GLY A 314 7.52 -0.60 -9.50
C GLY A 314 7.86 -0.07 -8.14
N THR A 315 8.91 0.72 -8.10
CA THR A 315 9.31 1.43 -6.90
C THR A 315 9.71 2.84 -7.30
N THR A 316 9.77 3.70 -6.30
CA THR A 316 10.43 4.99 -6.47
C THR A 316 11.92 4.82 -6.26
N THR A 317 12.71 5.53 -7.06
CA THR A 317 14.16 5.33 -7.02
C THR A 317 14.72 5.55 -5.62
N ASP A 318 14.23 6.57 -4.93
CA ASP A 318 14.77 6.97 -3.64
C ASP A 318 13.74 6.82 -2.54
N LEU A 319 12.83 5.86 -2.70
CA LEU A 319 11.78 5.55 -1.73
C LEU A 319 12.18 5.90 -0.31
N TYR A 320 13.20 5.24 0.20
CA TYR A 320 13.34 5.32 1.65
C TYR A 320 13.92 6.65 2.11
N ARG A 321 14.38 7.50 1.21
CA ARG A 321 14.78 8.83 1.64
C ARG A 321 13.64 9.60 2.28
N LEU A 322 12.38 9.26 1.98
CA LEU A 322 11.28 9.95 2.65
C LEU A 322 11.40 9.82 4.16
N PHE A 323 11.97 8.72 4.64
CA PHE A 323 11.98 8.39 6.05
C PHE A 323 13.26 8.80 6.74
N LEU A 324 14.32 9.04 5.98
CA LEU A 324 15.62 9.34 6.55
C LEU A 324 16.07 10.77 6.34
N ALA A 325 15.54 11.45 5.34
CA ALA A 325 16.09 12.72 4.86
C ALA A 325 15.39 13.97 5.39
N PRO A 326 14.06 14.01 5.51
CA PRO A 326 13.38 15.31 5.64
C PRO A 326 13.64 16.02 6.96
N THR A 327 14.27 15.36 7.94
CA THR A 327 14.61 16.03 9.18
C THR A 327 16.00 16.66 9.14
N GLY A 328 16.68 16.60 8.00
CA GLY A 328 18.03 17.11 7.86
C GLY A 328 19.11 16.24 8.45
N LEU A 329 18.79 15.00 8.85
CA LEU A 329 19.66 14.15 9.65
C LEU A 329 20.36 13.06 8.86
N LEU A 330 19.99 12.85 7.59
CA LEU A 330 20.77 11.99 6.71
C LEU A 330 22.28 12.19 6.85
N PRO A 331 22.82 13.42 6.83
CA PRO A 331 24.29 13.57 6.89
C PRO A 331 24.90 13.01 8.16
N PHE A 332 24.14 12.92 9.25
CA PHE A 332 24.70 12.39 10.47
C PHE A 332 24.85 10.87 10.46
N ILE A 333 24.09 10.16 9.61
CA ILE A 333 24.24 8.71 9.54
C ILE A 333 25.67 8.36 9.14
N THR A 334 26.20 7.30 9.75
CA THR A 334 27.62 6.99 9.63
C THR A 334 27.85 5.71 8.86
N SER A 335 29.05 5.62 8.28
CA SER A 335 29.45 4.43 7.55
C SER A 335 29.33 3.19 8.40
N ASP A 336 29.83 3.24 9.64
CA ASP A 336 29.78 2.05 10.47
C ASP A 336 28.35 1.66 10.76
N TYR A 337 27.42 2.62 10.77
CA TYR A 337 26.02 2.27 10.95
C TYR A 337 25.49 1.53 9.73
N VAL A 338 25.80 2.04 8.54
CA VAL A 338 25.47 1.35 7.31
C VAL A 338 26.13 -0.02 7.29
N THR A 339 27.40 -0.09 7.71
CA THR A 339 28.10 -1.38 7.74
C THR A 339 27.39 -2.36 8.66
N ALA A 340 27.06 -1.92 9.87
CA ALA A 340 26.31 -2.75 10.79
C ALA A 340 24.95 -3.14 10.19
N HIS A 341 24.31 -2.20 9.49
CA HIS A 341 23.03 -2.52 8.86
C HIS A 341 23.22 -3.55 7.76
N LEU A 342 24.22 -3.34 6.90
CA LEU A 342 24.55 -4.33 5.89
C LEU A 342 24.80 -5.69 6.51
N ALA A 343 25.47 -5.69 7.66
CA ALA A 343 25.84 -6.93 8.32
C ALA A 343 24.62 -7.70 8.78
N LYS A 344 23.55 -7.00 9.11
CA LYS A 344 22.33 -7.69 9.51
C LYS A 344 21.81 -8.59 8.40
N SER A 345 22.18 -8.30 7.16
CA SER A 345 21.82 -9.13 6.02
C SER A 345 23.02 -9.88 5.48
N GLY A 346 24.06 -10.05 6.31
CA GLY A 346 25.23 -10.80 5.92
C GLY A 346 26.04 -10.19 4.79
N LEU A 347 25.90 -8.90 4.56
CA LEU A 347 26.69 -8.18 3.57
C LEU A 347 27.86 -7.48 4.25
N ASP A 348 29.01 -7.47 3.58
CA ASP A 348 30.16 -6.80 4.12
C ASP A 348 30.05 -5.30 3.94
N ALA A 349 30.91 -4.57 4.65
CA ALA A 349 30.91 -3.12 4.54
C ALA A 349 30.97 -2.67 3.09
N ASP A 350 31.80 -3.33 2.28
CA ASP A 350 32.06 -2.81 0.94
C ASP A 350 30.85 -2.96 0.01
N ALA A 351 29.78 -3.61 0.45
CA ALA A 351 28.53 -3.55 -0.31
C ALA A 351 28.08 -2.11 -0.48
N ALA A 352 28.40 -1.25 0.48
CA ALA A 352 28.08 0.16 0.34
C ALA A 352 28.75 0.78 -0.87
N LYS A 353 29.95 0.29 -1.21
CA LYS A 353 30.65 0.83 -2.37
C LYS A 353 29.85 0.64 -3.64
N ALA A 354 29.25 -0.55 -3.83
CA ALA A 354 28.39 -0.79 -4.99
C ALA A 354 27.29 0.26 -5.10
N TYR A 355 26.72 0.65 -3.96
CA TYR A 355 25.73 1.72 -3.97
C TYR A 355 26.35 3.03 -4.45
N THR A 356 27.53 3.36 -3.92
CA THR A 356 28.20 4.59 -4.34
C THR A 356 28.54 4.52 -5.81
N ALA A 357 29.05 3.38 -6.28
CA ALA A 357 29.46 3.21 -7.66
C ALA A 357 28.29 3.25 -8.61
N GLU A 358 27.07 3.19 -8.09
CA GLU A 358 25.89 3.13 -8.96
C GLU A 358 25.06 4.39 -8.82
N GLY A 359 25.65 5.43 -8.23
CA GLY A 359 24.94 6.70 -8.10
C GLY A 359 23.88 6.67 -7.03
N ARG A 360 23.91 5.70 -6.13
CA ARG A 360 22.88 5.53 -5.14
C ARG A 360 23.32 6.00 -3.76
N GLY A 361 24.35 6.84 -3.68
CA GLY A 361 24.75 7.34 -2.39
C GLY A 361 26.21 7.68 -2.21
N GLU A 362 26.47 8.98 -2.03
CA GLU A 362 27.82 9.40 -1.67
C GLU A 362 28.05 9.19 -0.19
N GLU A 363 27.18 9.77 0.63
CA GLU A 363 27.34 9.72 2.06
C GLU A 363 26.65 8.49 2.64
N PRO A 364 27.06 8.03 3.83
CA PRO A 364 26.45 6.81 4.37
C PRO A 364 24.93 6.87 4.47
N GLY A 365 24.38 8.02 4.85
CA GLY A 365 22.93 8.11 4.94
C GLY A 365 22.25 7.91 3.60
N ASP A 366 22.82 8.46 2.54
CA ASP A 366 22.28 8.22 1.20
C ASP A 366 22.31 6.74 0.89
N ILE A 367 23.41 6.08 1.23
CA ILE A 367 23.56 4.66 0.95
C ILE A 367 22.54 3.86 1.77
N LEU A 368 22.50 4.09 3.08
CA LEU A 368 21.49 3.45 3.94
C LEU A 368 20.11 3.55 3.29
N ALA A 369 19.72 4.75 2.88
CA ALA A 369 18.43 4.94 2.25
C ALA A 369 18.26 4.01 1.07
N SER A 370 19.23 4.01 0.15
CA SER A 370 19.15 3.13 -1.00
C SER A 370 19.17 1.67 -0.58
N ILE A 371 20.03 1.32 0.39
CA ILE A 371 20.04 -0.05 0.87
C ILE A 371 18.65 -0.44 1.34
N ILE A 372 18.03 0.43 2.13
CA ILE A 372 16.73 0.08 2.68
C ILE A 372 15.66 0.07 1.58
N THR A 373 15.75 1.01 0.64
CA THR A 373 14.89 0.94 -0.53
C THR A 373 15.02 -0.43 -1.21
N ASP A 374 16.26 -0.91 -1.34
CA ASP A 374 16.44 -2.23 -1.95
C ASP A 374 15.88 -3.33 -1.08
N GLN A 375 16.23 -3.31 0.21
CA GLN A 375 15.92 -4.42 1.10
C GLN A 375 14.41 -4.64 1.24
N VAL A 376 13.65 -3.56 1.34
CA VAL A 376 12.24 -3.68 1.66
C VAL A 376 11.35 -3.50 0.45
N PHE A 377 11.85 -2.90 -0.61
CA PHE A 377 10.98 -2.57 -1.72
C PHE A 377 11.48 -3.11 -3.04
N ARG A 378 12.64 -2.63 -3.52
CA ARG A 378 13.02 -2.91 -4.90
C ARG A 378 13.37 -4.38 -5.11
N ILE A 379 14.15 -4.95 -4.21
CA ILE A 379 14.55 -6.34 -4.38
C ILE A 379 13.34 -7.24 -4.11
N PRO A 380 12.56 -7.03 -3.05
CA PRO A 380 11.34 -7.82 -2.90
C PRO A 380 10.43 -7.70 -4.12
N ALA A 381 10.26 -6.49 -4.64
CA ALA A 381 9.50 -6.31 -5.87
C ALA A 381 10.09 -7.14 -6.99
N LEU A 382 11.43 -7.10 -7.16
CA LEU A 382 12.10 -7.84 -8.22
C LEU A 382 12.01 -9.34 -7.98
N ARG A 383 12.05 -9.77 -6.73
CA ARG A 383 11.91 -11.22 -6.44
C ARG A 383 10.52 -11.67 -6.89
N ILE A 384 9.53 -10.80 -6.76
CA ILE A 384 8.20 -11.15 -7.23
C ILE A 384 8.21 -11.29 -8.74
N ALA A 385 8.73 -10.27 -9.42
CA ALA A 385 8.86 -10.33 -10.87
C ALA A 385 9.64 -11.56 -11.31
N GLU A 386 10.73 -11.89 -10.61
CA GLU A 386 11.50 -13.08 -10.96
C GLU A 386 10.69 -14.36 -10.77
N SER A 387 9.89 -14.42 -9.70
CA SER A 387 9.04 -15.58 -9.48
C SER A 387 8.05 -15.79 -10.60
N ARG A 388 7.73 -14.72 -11.33
CA ARG A 388 6.68 -14.78 -12.34
C ARG A 388 7.21 -15.01 -13.74
N VAL A 389 8.49 -15.38 -13.85
CA VAL A 389 9.12 -15.58 -15.16
C VAL A 389 8.27 -16.51 -16.02
N ASP A 390 7.71 -17.57 -15.44
CA ASP A 390 6.88 -18.53 -16.15
C ASP A 390 5.41 -18.34 -15.87
N ALA A 391 5.04 -17.20 -15.34
CA ALA A 391 3.65 -16.96 -15.07
C ALA A 391 2.91 -16.74 -16.38
N PRO A 392 1.71 -17.30 -16.52
CA PRO A 392 0.92 -17.02 -17.72
C PRO A 392 0.56 -15.57 -17.82
N ALA A 393 0.47 -14.90 -16.69
CA ALA A 393 0.15 -13.51 -16.74
C ALA A 393 1.39 -12.72 -17.09
N ARG A 394 1.17 -11.46 -17.41
CA ARG A 394 2.21 -10.57 -17.82
C ARG A 394 2.80 -9.88 -16.61
N THR A 395 4.04 -9.47 -16.73
CA THR A 395 4.69 -8.69 -15.70
C THR A 395 5.31 -7.47 -16.36
N PHE A 396 4.98 -6.31 -15.86
CA PHE A 396 5.65 -5.10 -16.29
C PHE A 396 6.18 -4.40 -15.05
N GLY A 397 7.30 -3.73 -15.22
CA GLY A 397 7.90 -3.04 -14.12
C GLY A 397 8.12 -1.59 -14.45
N TYR A 398 8.29 -0.78 -13.42
CA TYR A 398 8.57 0.62 -13.65
C TYR A 398 9.48 1.10 -12.54
N GLU A 399 10.12 2.23 -12.78
CA GLU A 399 10.87 2.89 -11.75
C GLU A 399 10.42 4.33 -11.77
N PHE A 400 9.93 4.81 -10.64
CA PHE A 400 9.53 6.20 -10.56
C PHE A 400 10.74 6.99 -10.07
N ALA A 401 11.36 7.70 -10.99
CA ALA A 401 12.63 8.36 -10.76
C ALA A 401 12.50 9.87 -10.67
N TRP A 402 11.33 10.42 -10.94
CA TRP A 402 11.18 11.86 -10.80
C TRP A 402 11.46 12.28 -9.37
N ARG A 403 12.41 13.19 -9.22
CA ARG A 403 12.85 13.68 -7.93
C ARG A 403 11.99 14.88 -7.56
N THR A 404 11.42 14.84 -6.34
CA THR A 404 10.64 15.97 -5.88
C THR A 404 11.57 17.12 -5.51
N PRO A 405 11.18 18.37 -5.79
CA PRO A 405 12.02 19.50 -5.39
C PRO A 405 11.94 19.84 -3.92
N GLN A 406 10.98 19.28 -3.20
CA GLN A 406 10.75 19.73 -1.83
C GLN A 406 12.02 19.58 -1.00
N LEU A 407 12.16 20.43 0.01
CA LEU A 407 13.30 20.41 0.92
C LEU A 407 14.62 20.36 0.15
N ASP A 408 14.76 21.27 -0.81
CA ASP A 408 16.01 21.46 -1.53
C ASP A 408 16.43 20.18 -2.24
N GLY A 409 15.47 19.37 -2.63
CA GLY A 409 15.78 18.21 -3.41
C GLY A 409 16.39 17.09 -2.63
N ILE A 410 16.39 17.18 -1.30
CA ILE A 410 17.04 16.18 -0.47
C ILE A 410 16.33 14.84 -0.55
N LEU A 411 15.05 14.84 -0.91
CA LEU A 411 14.25 13.62 -0.96
C LEU A 411 14.52 12.80 -2.21
N GLY A 412 14.90 13.44 -3.30
CA GLY A 412 15.00 12.70 -4.54
C GLY A 412 13.65 12.14 -4.97
N ALA A 413 13.68 10.95 -5.57
CA ALA A 413 12.46 10.27 -6.00
C ALA A 413 11.96 9.44 -4.82
N CYS A 414 11.47 10.14 -3.83
CA CYS A 414 11.26 9.46 -2.58
C CYS A 414 9.90 8.81 -2.55
N HIS A 415 9.63 8.13 -1.45
CA HIS A 415 8.36 7.45 -1.31
C HIS A 415 7.21 8.41 -1.48
N ALA A 416 6.16 7.92 -2.15
CA ALA A 416 4.85 8.55 -2.24
C ALA A 416 4.76 9.57 -3.36
N VAL A 417 5.90 10.05 -3.88
CA VAL A 417 5.86 11.11 -4.88
C VAL A 417 5.15 10.66 -6.14
N GLU A 418 5.05 9.34 -6.38
CA GLU A 418 4.41 8.85 -7.58
C GLU A 418 2.90 8.85 -7.47
N LEU A 419 2.36 8.98 -6.25
CA LEU A 419 0.92 8.95 -6.06
C LEU A 419 0.17 10.01 -6.84
N PRO A 420 0.48 11.31 -6.72
CA PRO A 420 -0.29 12.30 -7.49
C PRO A 420 -0.11 12.18 -8.99
N PHE A 421 1.01 11.64 -9.47
CA PHE A 421 1.16 11.39 -10.90
C PHE A 421 0.28 10.23 -11.35
N VAL A 422 0.21 9.17 -10.54
CA VAL A 422 -0.71 8.08 -10.82
C VAL A 422 -2.15 8.59 -10.93
N PHE A 423 -2.55 9.42 -9.98
CA PHE A 423 -3.93 9.87 -9.89
C PHE A 423 -4.20 11.18 -10.61
N ARG A 424 -3.18 11.80 -11.22
CA ARG A 424 -3.30 13.15 -11.74
C ARG A 424 -3.95 14.04 -10.70
N THR A 425 -3.39 13.98 -9.50
CA THR A 425 -3.81 14.81 -8.38
C THR A 425 -2.62 15.63 -7.88
N LEU A 426 -1.81 16.13 -8.83
CA LEU A 426 -0.58 16.81 -8.47
C LEU A 426 -0.84 18.03 -7.62
N ASP A 427 -1.96 18.73 -7.87
CA ASP A 427 -2.25 19.94 -7.11
C ASP A 427 -2.64 19.62 -5.68
N ARG A 428 -2.95 18.36 -5.39
CA ARG A 428 -3.28 17.94 -4.05
C ARG A 428 -2.08 17.41 -3.28
N ALA A 429 -0.90 17.36 -3.90
CA ALA A 429 0.26 16.74 -3.26
C ALA A 429 1.46 17.67 -3.18
N ALA A 430 1.24 18.99 -3.26
CA ALA A 430 2.37 19.90 -3.34
C ALA A 430 3.24 19.83 -2.10
N SER A 431 2.66 19.46 -0.96
CA SER A 431 3.49 19.28 0.22
C SER A 431 4.58 18.27 -0.05
N LEU A 432 4.34 17.32 -0.95
CA LEU A 432 5.32 16.28 -1.24
C LEU A 432 6.08 16.54 -2.52
N VAL A 433 5.38 16.89 -3.61
CA VAL A 433 6.00 17.05 -4.91
C VAL A 433 6.21 18.52 -5.28
N GLY A 434 5.94 19.45 -4.37
CA GLY A 434 6.12 20.85 -4.66
C GLY A 434 5.02 21.40 -5.53
N THR A 435 5.19 22.68 -5.88
CA THR A 435 4.12 23.49 -6.45
C THR A 435 3.96 23.33 -7.95
N ASN A 436 5.02 22.96 -8.66
CA ASN A 436 4.98 22.90 -10.12
C ASN A 436 5.47 21.55 -10.65
N PRO A 437 4.95 20.43 -10.14
CA PRO A 437 5.37 19.14 -10.67
C PRO A 437 4.92 19.01 -12.11
N PRO A 438 5.67 18.26 -12.92
CA PRO A 438 5.36 18.19 -14.36
C PRO A 438 4.06 17.42 -14.58
N GLU A 439 3.07 18.11 -15.14
CA GLU A 439 1.80 17.46 -15.39
C GLU A 439 1.93 16.40 -16.48
N GLU A 440 2.84 16.62 -17.44
CA GLU A 440 3.10 15.61 -18.48
C GLU A 440 3.42 14.26 -17.87
N LEU A 441 4.22 14.25 -16.82
CA LEU A 441 4.56 12.99 -16.16
C LEU A 441 3.32 12.36 -15.55
N ALA A 442 2.44 13.19 -14.98
CA ALA A 442 1.19 12.67 -14.45
C ALA A 442 0.39 12.01 -15.55
N GLU A 443 0.22 12.71 -16.67
CA GLU A 443 -0.45 12.13 -17.81
C GLU A 443 0.19 10.80 -18.20
N THR A 444 1.52 10.75 -18.20
CA THR A 444 2.23 9.57 -18.66
C THR A 444 2.00 8.39 -17.72
N VAL A 445 2.29 8.58 -16.44
CA VAL A 445 2.10 7.51 -15.46
C VAL A 445 0.63 7.10 -15.41
N HIS A 446 -0.26 8.07 -15.34
CA HIS A 446 -1.67 7.76 -15.22
C HIS A 446 -2.17 7.00 -16.44
N ASN A 447 -1.77 7.43 -17.64
CA ASN A 447 -2.25 6.74 -18.81
C ASN A 447 -1.72 5.32 -18.85
N ALA A 448 -0.48 5.13 -18.41
CA ALA A 448 0.07 3.78 -18.33
C ALA A 448 -0.73 2.94 -17.35
N TRP A 449 -1.07 3.50 -16.19
CA TRP A 449 -1.93 2.81 -15.25
C TRP A 449 -3.28 2.51 -15.88
N VAL A 450 -3.85 3.46 -16.62
CA VAL A 450 -5.12 3.22 -17.28
C VAL A 450 -4.95 2.13 -18.33
N ARG A 451 -3.90 2.24 -19.15
CA ARG A 451 -3.66 1.21 -20.15
C ARG A 451 -3.48 -0.13 -19.51
N PHE A 452 -2.74 -0.18 -18.40
CA PHE A 452 -2.53 -1.47 -17.75
C PHE A 452 -3.84 -2.05 -17.24
N ALA A 453 -4.66 -1.22 -16.61
CA ALA A 453 -5.93 -1.71 -16.11
C ALA A 453 -6.81 -2.16 -17.26
N THR A 454 -6.80 -1.39 -18.34
CA THR A 454 -7.65 -1.66 -19.49
C THR A 454 -7.30 -2.99 -20.16
N SER A 455 -6.01 -3.23 -20.39
CA SER A 455 -5.58 -4.30 -21.25
C SER A 455 -4.52 -5.21 -20.65
N GLY A 456 -4.06 -4.92 -19.43
CA GLY A 456 -2.96 -5.68 -18.88
C GLY A 456 -1.62 -5.30 -19.47
N ASP A 457 -1.56 -4.19 -20.18
CA ASP A 457 -0.32 -3.75 -20.79
C ASP A 457 -0.20 -2.25 -20.56
N PRO A 458 0.80 -1.83 -19.78
CA PRO A 458 0.99 -0.39 -19.57
C PRO A 458 1.45 0.35 -20.81
N GLY A 459 1.91 -0.37 -21.83
CA GLY A 459 2.39 0.26 -23.03
C GLY A 459 3.88 0.31 -23.13
N TRP A 460 4.59 -0.64 -22.56
CA TRP A 460 6.02 -0.72 -22.75
C TRP A 460 6.42 -2.19 -22.60
N PRO A 461 7.65 -2.53 -22.93
CA PRO A 461 7.99 -3.96 -22.98
C PRO A 461 7.84 -4.63 -21.63
N ALA A 462 7.50 -5.91 -21.70
CA ALA A 462 7.24 -6.74 -20.53
C ALA A 462 8.51 -7.02 -19.75
N TRP A 463 8.38 -7.09 -18.42
CA TRP A 463 9.53 -7.38 -17.57
C TRP A 463 9.82 -8.87 -17.58
N ASN A 464 11.08 -9.21 -17.83
CA ASN A 464 11.55 -10.59 -17.78
C ASN A 464 12.93 -10.60 -17.16
N PRO A 465 13.44 -11.75 -16.73
CA PRO A 465 14.77 -11.78 -16.12
C PRO A 465 15.91 -11.61 -17.10
N GLU A 466 15.66 -11.71 -18.41
CA GLU A 466 16.73 -11.51 -19.38
C GLU A 466 17.25 -10.09 -19.33
N THR A 467 16.37 -9.14 -19.61
CA THR A 467 16.72 -7.74 -19.72
C THR A 467 16.23 -6.92 -18.54
N ARG A 468 15.32 -7.48 -17.73
CA ARG A 468 14.87 -6.81 -16.52
C ARG A 468 14.44 -5.40 -16.84
N SER A 469 13.62 -5.28 -17.85
CA SER A 469 13.27 -3.98 -18.41
C SER A 469 12.16 -3.34 -17.58
N VAL A 470 12.36 -2.05 -17.27
CA VAL A 470 11.34 -1.25 -16.63
C VAL A 470 11.26 0.10 -17.31
N MET A 471 10.06 0.67 -17.26
CA MET A 471 9.86 2.05 -17.65
C MET A 471 10.38 2.94 -16.52
N ARG A 472 11.42 3.74 -16.80
CA ARG A 472 11.95 4.67 -15.81
C ARG A 472 11.16 5.96 -15.95
N PHE A 473 10.20 6.17 -15.07
CA PHE A 473 9.39 7.38 -15.13
C PHE A 473 10.17 8.56 -14.57
N ASP A 474 10.25 9.63 -15.36
CA ASP A 474 10.88 10.86 -14.94
C ASP A 474 10.41 11.95 -15.90
N HIS A 475 10.86 13.16 -15.63
CA HIS A 475 10.56 14.29 -16.49
C HIS A 475 11.83 15.09 -16.70
N PRO A 476 12.12 15.51 -17.94
CA PRO A 476 11.20 15.42 -19.09
C PRO A 476 11.09 14.04 -19.74
N VAL A 477 11.96 13.10 -19.39
CA VAL A 477 12.08 11.85 -20.15
C VAL A 477 11.72 10.67 -19.27
N SER A 478 10.62 10.01 -19.61
CA SER A 478 10.33 8.66 -19.17
C SER A 478 10.73 7.75 -20.31
N GLU A 479 11.70 6.88 -20.06
CA GLU A 479 12.17 5.96 -21.08
C GLU A 479 12.44 4.62 -20.42
N MET A 480 12.35 3.57 -21.22
CA MET A 480 12.71 2.24 -20.76
C MET A 480 14.15 2.21 -20.29
N VAL A 481 14.41 1.39 -19.28
CA VAL A 481 15.77 1.07 -18.90
C VAL A 481 15.81 -0.43 -18.70
N THR A 482 17.00 -0.98 -18.65
CA THR A 482 17.18 -2.40 -18.48
C THR A 482 18.04 -2.61 -17.26
N ASP A 483 17.64 -3.58 -16.45
CA ASP A 483 18.45 -4.08 -15.34
C ASP A 483 19.06 -2.88 -14.60
N PRO A 484 18.24 -1.94 -14.12
CA PRO A 484 18.80 -0.79 -13.43
C PRO A 484 19.45 -1.25 -12.14
N TYR A 485 20.57 -0.62 -11.80
CA TYR A 485 21.29 -0.91 -10.57
C TYR A 485 21.56 -2.41 -10.42
N PRO A 486 22.32 -2.99 -11.35
CA PRO A 486 22.58 -4.43 -11.28
C PRO A 486 23.55 -4.82 -10.18
N ALA A 487 24.55 -3.99 -9.88
CA ALA A 487 25.53 -4.38 -8.89
C ALA A 487 24.91 -4.41 -7.51
N THR A 488 24.17 -3.36 -7.15
CA THR A 488 23.45 -3.41 -5.88
C THR A 488 22.42 -4.53 -5.91
N ARG A 489 21.79 -4.78 -7.07
CA ARG A 489 20.81 -5.86 -7.10
C ARG A 489 21.46 -7.20 -6.83
N ALA A 490 22.59 -7.48 -7.50
CA ALA A 490 23.29 -8.74 -7.29
C ALA A 490 23.81 -8.88 -5.86
N LEU A 491 23.84 -7.79 -5.08
CA LEU A 491 24.24 -7.92 -3.68
C LEU A 491 23.29 -8.80 -2.90
N TRP A 492 22.04 -8.87 -3.33
CA TRP A 492 21.01 -9.46 -2.48
C TRP A 492 20.69 -10.89 -2.83
N ASP A 493 21.36 -11.43 -3.84
CA ASP A 493 21.10 -12.81 -4.32
C ASP A 493 20.96 -13.82 -3.18
N GLY A 494 21.91 -13.85 -2.25
CA GLY A 494 21.86 -14.87 -1.20
C GLY A 494 21.30 -14.36 0.10
N VAL A 495 20.89 -13.10 0.13
CA VAL A 495 20.45 -12.49 1.40
C VAL A 495 19.13 -13.15 1.83
N PRO A 496 19.09 -13.74 3.04
CA PRO A 496 17.89 -14.40 3.53
C PRO A 496 16.62 -13.56 3.44
N LEU A 497 15.45 -14.18 3.64
CA LEU A 497 14.13 -13.47 3.61
C LEU A 497 13.96 -12.66 2.31
C12 C8X B . 9.88 -0.82 7.94
C6 C8X B . 7.03 2.61 4.64
C11 C8X B . 9.77 -0.91 6.45
C5 C8X B . 5.83 3.04 4.12
C2 C8X B . 2.53 4.27 1.88
C1 C8X B . 2.25 5.68 2.30
C4 C8X B . 4.85 2.13 3.77
C10 C8X B . 8.58 0.81 5.37
C9 C8X B . 5.10 0.79 3.93
C3 C8X B . 3.56 2.61 3.20
C8 C8X B . 6.31 0.35 4.44
C7 C8X B . 7.28 1.26 4.82
O1 C8X B . 1.27 6.30 1.49
O2 C8X B . 3.67 3.81 2.64
O3 C8X B . 2.54 1.98 3.21
O4 C8X B . 9.62 1.41 5.21
O5 C8X B . 8.51 -0.32 6.05
O6 C8X B . 11.20 -0.56 8.37
#